data_1SI4
#
_entry.id   1SI4
#
_cell.length_a   60.450
_cell.length_b   88.186
_cell.length_c   104.595
_cell.angle_alpha   90.00
_cell.angle_beta   90.00
_cell.angle_gamma   90.00
#
_symmetry.space_group_name_H-M   'P 21 21 21'
#
loop_
_entity.id
_entity.type
_entity.pdbx_description
1 polymer 'Hemoglobin alpha chain'
2 polymer 'Hemoglobin delta chain'
3 non-polymer 'CYANIDE ION'
4 non-polymer 'PROTOPORPHYRIN IX CONTAINING FE'
5 water water
#
loop_
_entity_poly.entity_id
_entity_poly.type
_entity_poly.pdbx_seq_one_letter_code
_entity_poly.pdbx_strand_id
1 'polypeptide(L)'
;VLSPADKTNVKAAWGKVGAHAGEYGAEALERMFLSFPTTKTYFPHFDLSHGSAQVKGHGKKVADALTNAVAHVDDMPNAL
SALSDLHAHKLRVDPVNFKLLSHCLLVTLAAHLPAEFTPAVHASLDKFLASVSTVLTSKYR
;
A,C
2 'polypeptide(L)'
;VHLTPEEKTAVNALWGKVNVDAVGGEALGRLLVVYPWTQRFFESFGDLSSPDAVMGNPKVKAHGKKVLGAFSDGLAHLDN
LKGTFSQLSELHCDKLHVDPENFRLLGNVLVCVLARNFGKEFTPQMQAAYQKVVAGVANALAHKYH
;
B,D
#
loop_
_chem_comp.id
_chem_comp.type
_chem_comp.name
_chem_comp.formula
CYN non-polymer 'CYANIDE ION' 'C N -1'
HEM non-polymer 'PROTOPORPHYRIN IX CONTAINING FE' 'C34 H32 Fe N4 O4'
#
# COMPACT_ATOMS: atom_id res chain seq x y z
N VAL A 1 5.34 -11.38 7.29
CA VAL A 1 6.10 -12.36 8.11
C VAL A 1 6.74 -13.44 7.23
N LEU A 2 8.03 -13.64 7.39
CA LEU A 2 8.77 -14.64 6.63
C LEU A 2 8.66 -16.06 7.20
N SER A 3 8.58 -17.03 6.30
CA SER A 3 8.50 -18.43 6.70
C SER A 3 9.94 -18.98 6.69
N PRO A 4 10.17 -20.13 7.35
CA PRO A 4 11.50 -20.77 7.40
C PRO A 4 12.00 -21.00 5.99
N ALA A 5 11.06 -21.48 5.18
CA ALA A 5 11.34 -21.77 3.80
C ALA A 5 11.74 -20.48 3.09
N ASP A 6 11.14 -19.35 3.51
CA ASP A 6 11.46 -18.03 2.93
C ASP A 6 12.89 -17.63 3.28
N LYS A 7 13.26 -17.88 4.53
CA LYS A 7 14.56 -17.52 5.06
C LYS A 7 15.67 -18.33 4.42
N THR A 8 15.30 -19.53 3.99
CA THR A 8 16.23 -20.44 3.36
C THR A 8 16.46 -20.06 1.89
N ASN A 9 15.43 -19.60 1.21
CA ASN A 9 15.55 -19.17 -0.19
C ASN A 9 16.30 -17.86 -0.23
N VAL A 10 16.11 -17.04 0.78
CA VAL A 10 16.78 -15.75 0.86
C VAL A 10 18.29 -15.94 1.00
N LYS A 11 18.70 -16.66 2.04
CA LYS A 11 20.12 -16.91 2.26
C LYS A 11 20.78 -17.58 1.06
N ALA A 12 20.16 -18.63 0.54
CA ALA A 12 20.71 -19.33 -0.63
C ALA A 12 20.82 -18.36 -1.80
N ALA A 13 19.73 -17.63 -2.05
CA ALA A 13 19.65 -16.67 -3.13
C ALA A 13 20.73 -15.59 -3.07
N TRP A 14 20.80 -14.88 -1.95
CA TRP A 14 21.80 -13.83 -1.80
C TRP A 14 23.18 -14.47 -1.88
N GLY A 15 23.24 -15.77 -1.58
CA GLY A 15 24.50 -16.49 -1.62
C GLY A 15 25.14 -16.49 -3.01
N LYS A 16 24.38 -16.83 -4.04
CA LYS A 16 24.91 -16.83 -5.40
C LYS A 16 25.26 -15.40 -5.76
N VAL A 17 24.45 -14.45 -5.28
CA VAL A 17 24.71 -13.05 -5.57
C VAL A 17 26.16 -12.79 -5.18
N GLY A 18 26.54 -13.33 -4.02
CA GLY A 18 27.90 -13.19 -3.54
C GLY A 18 28.57 -11.83 -3.62
N ALA A 19 29.75 -11.80 -4.25
CA ALA A 19 30.54 -10.57 -4.40
C ALA A 19 29.97 -9.66 -5.48
N HIS A 20 28.80 -10.02 -5.98
CA HIS A 20 28.11 -9.26 -7.01
C HIS A 20 26.99 -8.43 -6.42
N ALA A 21 26.76 -8.53 -5.12
CA ALA A 21 25.67 -7.77 -4.52
C ALA A 21 25.94 -6.30 -4.74
N GLY A 22 27.16 -5.88 -4.36
CA GLY A 22 27.55 -4.48 -4.51
C GLY A 22 27.11 -3.89 -5.83
N GLU A 23 27.46 -4.59 -6.91
CA GLU A 23 27.12 -4.19 -8.28
C GLU A 23 25.60 -4.23 -8.50
N TYR A 24 24.94 -5.24 -7.94
CA TYR A 24 23.49 -5.37 -8.09
C TYR A 24 22.81 -4.24 -7.34
N GLY A 25 23.50 -3.69 -6.36
CA GLY A 25 22.95 -2.60 -5.57
C GLY A 25 23.04 -1.28 -6.33
N ALA A 26 24.10 -1.12 -7.11
CA ALA A 26 24.26 0.11 -7.86
C ALA A 26 23.30 0.12 -9.06
N GLU A 27 23.16 -1.02 -9.73
CA GLU A 27 22.27 -1.09 -10.88
C GLU A 27 20.85 -0.78 -10.45
N ALA A 28 20.44 -1.37 -9.33
CA ALA A 28 19.11 -1.15 -8.77
C ALA A 28 18.82 0.34 -8.61
N LEU A 29 19.75 1.04 -7.97
CA LEU A 29 19.58 2.47 -7.77
C LEU A 29 19.46 3.17 -9.11
N GLU A 30 20.42 2.88 -9.99
CA GLU A 30 20.42 3.46 -11.32
C GLU A 30 19.07 3.21 -11.99
N ARG A 31 18.56 1.99 -11.89
CA ARG A 31 17.26 1.70 -12.50
C ARG A 31 16.17 2.48 -11.77
N MET A 32 16.26 2.55 -10.44
CA MET A 32 15.26 3.29 -9.66
C MET A 32 15.23 4.77 -10.00
N PHE A 33 16.39 5.38 -10.21
CA PHE A 33 16.43 6.81 -10.53
C PHE A 33 15.94 7.11 -11.93
N LEU A 34 16.16 6.18 -12.86
CA LEU A 34 15.75 6.37 -14.24
C LEU A 34 14.24 6.20 -14.44
N SER A 35 13.71 5.08 -13.97
CA SER A 35 12.29 4.75 -14.11
C SER A 35 11.39 5.54 -13.14
N PHE A 36 11.94 5.95 -12.01
CA PHE A 36 11.18 6.70 -11.01
C PHE A 36 11.93 7.97 -10.62
N PRO A 37 11.96 8.96 -11.53
CA PRO A 37 12.62 10.25 -11.37
C PRO A 37 12.46 10.93 -10.01
N THR A 38 11.26 10.88 -9.45
CA THR A 38 11.03 11.50 -8.16
C THR A 38 11.91 10.99 -7.00
N THR A 39 12.48 9.79 -7.14
CA THR A 39 13.35 9.23 -6.08
C THR A 39 14.66 9.99 -5.89
N LYS A 40 15.05 10.74 -6.91
CA LYS A 40 16.30 11.52 -6.90
C LYS A 40 16.33 12.71 -5.92
N THR A 41 15.14 13.17 -5.50
CA THR A 41 15.00 14.30 -4.57
C THR A 41 15.53 13.95 -3.20
N TYR A 42 15.85 12.67 -3.03
CA TYR A 42 16.41 12.22 -1.78
C TYR A 42 17.92 12.28 -1.92
N PHE A 43 18.39 12.46 -3.15
CA PHE A 43 19.83 12.55 -3.43
C PHE A 43 20.18 13.80 -4.27
N PRO A 44 19.87 15.01 -3.75
CA PRO A 44 20.12 16.30 -4.42
C PRO A 44 21.56 16.62 -4.82
N HIS A 45 22.48 16.46 -3.88
CA HIS A 45 23.90 16.77 -4.09
C HIS A 45 24.69 15.63 -4.72
N PHE A 46 24.05 14.49 -4.93
CA PHE A 46 24.70 13.35 -5.55
C PHE A 46 24.97 13.55 -7.03
N ASP A 47 25.80 12.68 -7.57
CA ASP A 47 26.08 12.70 -8.99
C ASP A 47 25.38 11.41 -9.44
N LEU A 48 24.18 11.56 -9.98
CA LEU A 48 23.39 10.41 -10.39
C LEU A 48 23.46 10.15 -11.90
N SER A 49 24.65 10.30 -12.48
CA SER A 49 24.85 10.09 -13.92
C SER A 49 25.15 8.63 -14.28
N HIS A 50 24.68 8.21 -15.47
CA HIS A 50 24.88 6.83 -15.96
C HIS A 50 26.32 6.40 -15.69
N GLY A 51 26.43 5.52 -14.69
CA GLY A 51 27.70 4.99 -14.27
C GLY A 51 28.44 5.80 -13.24
N SER A 52 27.83 6.81 -12.64
CA SER A 52 28.55 7.61 -11.65
C SER A 52 29.29 6.74 -10.64
N ALA A 53 30.43 7.22 -10.18
CA ALA A 53 31.21 6.51 -9.19
C ALA A 53 30.44 6.56 -7.87
N GLN A 54 29.70 7.65 -7.66
CA GLN A 54 28.96 7.83 -6.43
C GLN A 54 27.82 6.81 -6.33
N VAL A 55 27.17 6.54 -7.45
CA VAL A 55 26.06 5.59 -7.49
C VAL A 55 26.55 4.16 -7.23
N LYS A 56 27.69 3.81 -7.79
CA LYS A 56 28.24 2.48 -7.60
C LYS A 56 28.70 2.24 -6.16
N GLY A 57 29.36 3.21 -5.56
CA GLY A 57 29.81 3.07 -4.19
C GLY A 57 28.67 3.02 -3.20
N HIS A 58 27.68 3.88 -3.40
CA HIS A 58 26.53 3.91 -2.50
C HIS A 58 25.78 2.59 -2.67
N GLY A 59 25.72 2.12 -3.91
CA GLY A 59 25.04 0.87 -4.19
C GLY A 59 25.69 -0.22 -3.37
N LYS A 60 27.01 -0.14 -3.26
CA LYS A 60 27.79 -1.11 -2.50
C LYS A 60 27.33 -1.10 -1.06
N LYS A 61 27.04 0.09 -0.53
CA LYS A 61 26.60 0.24 0.85
C LYS A 61 25.24 -0.39 1.09
N VAL A 62 24.29 -0.10 0.20
CA VAL A 62 22.97 -0.68 0.35
C VAL A 62 23.16 -2.19 0.24
N ALA A 63 24.09 -2.61 -0.61
CA ALA A 63 24.39 -4.03 -0.83
C ALA A 63 24.82 -4.76 0.43
N ASP A 64 25.80 -4.19 1.14
CA ASP A 64 26.30 -4.80 2.36
C ASP A 64 25.22 -4.77 3.45
N ALA A 65 24.35 -3.77 3.41
CA ALA A 65 23.27 -3.65 4.39
C ALA A 65 22.33 -4.84 4.25
N LEU A 66 22.01 -5.21 3.02
CA LEU A 66 21.13 -6.35 2.80
C LEU A 66 21.84 -7.63 3.23
N THR A 67 23.10 -7.76 2.88
CA THR A 67 23.87 -8.95 3.27
C THR A 67 23.71 -9.13 4.77
N ASN A 68 23.94 -8.04 5.51
CA ASN A 68 23.83 -8.05 6.97
C ASN A 68 22.39 -8.39 7.38
N ALA A 69 21.42 -7.84 6.66
CA ALA A 69 20.03 -8.10 6.97
C ALA A 69 19.72 -9.60 6.88
N VAL A 70 20.25 -10.26 5.86
CA VAL A 70 20.02 -11.69 5.67
C VAL A 70 20.60 -12.58 6.77
N ALA A 71 21.82 -12.27 7.22
CA ALA A 71 22.46 -13.07 8.27
C ALA A 71 21.69 -12.97 9.57
N HIS A 72 20.97 -11.87 9.73
CA HIS A 72 20.20 -11.63 10.94
C HIS A 72 18.71 -11.55 10.59
N VAL A 73 18.28 -12.39 9.64
CA VAL A 73 16.88 -12.43 9.20
C VAL A 73 15.89 -12.77 10.32
N ASP A 74 16.40 -13.18 11.48
CA ASP A 74 15.55 -13.57 12.63
C ASP A 74 15.32 -12.47 13.68
N ASP A 75 16.22 -11.49 13.71
CA ASP A 75 16.19 -10.36 14.65
C ASP A 75 16.66 -9.12 13.86
N MET A 76 15.93 -8.76 12.79
CA MET A 76 16.30 -7.60 11.96
C MET A 76 16.07 -6.23 12.59
N PRO A 77 15.08 -6.11 13.47
CA PRO A 77 14.86 -4.79 14.09
C PRO A 77 16.09 -4.34 14.85
N ASN A 78 16.67 -5.28 15.60
CA ASN A 78 17.86 -5.02 16.39
C ASN A 78 19.09 -4.77 15.51
N ALA A 79 19.22 -5.55 14.44
CA ALA A 79 20.34 -5.48 13.50
C ALA A 79 20.28 -4.28 12.57
N LEU A 80 19.09 -3.80 12.28
CA LEU A 80 18.96 -2.69 11.36
C LEU A 80 18.59 -1.35 12.01
N SER A 81 18.60 -1.30 13.35
CA SER A 81 18.24 -0.11 14.12
C SER A 81 18.98 1.18 13.72
N ALA A 82 20.21 1.04 13.30
CA ALA A 82 20.99 2.20 12.90
C ALA A 82 20.42 2.81 11.62
N LEU A 83 20.11 1.96 10.63
CA LEU A 83 19.57 2.39 9.35
C LEU A 83 18.11 2.80 9.46
N SER A 84 17.50 2.34 10.53
CA SER A 84 16.11 2.66 10.84
C SER A 84 16.17 4.13 11.24
N ASP A 85 17.14 4.45 12.09
CA ASP A 85 17.36 5.82 12.59
C ASP A 85 17.54 6.76 11.41
N LEU A 86 18.28 6.30 10.40
CA LEU A 86 18.54 7.13 9.23
C LEU A 86 17.31 7.42 8.34
N HIS A 87 16.84 6.41 7.63
CA HIS A 87 15.71 6.57 6.72
C HIS A 87 14.38 6.98 7.37
N ALA A 88 14.15 6.57 8.61
CA ALA A 88 12.91 6.91 9.30
C ALA A 88 12.97 8.16 10.23
N HIS A 89 14.04 8.30 11.01
CA HIS A 89 14.16 9.44 11.93
C HIS A 89 14.72 10.69 11.27
N LYS A 90 15.73 10.51 10.45
CA LYS A 90 16.38 11.63 9.80
C LYS A 90 15.91 12.00 8.40
N LEU A 91 15.81 11.01 7.51
CA LEU A 91 15.40 11.28 6.14
C LEU A 91 13.90 11.35 5.96
N ARG A 92 13.18 10.68 6.86
CA ARG A 92 11.72 10.63 6.85
C ARG A 92 11.24 10.22 5.43
N VAL A 93 11.82 9.13 4.94
CA VAL A 93 11.56 8.54 3.62
C VAL A 93 10.20 7.87 3.47
N ASP A 94 9.41 8.39 2.53
CA ASP A 94 8.10 7.84 2.25
C ASP A 94 8.27 6.37 1.84
N PRO A 95 7.53 5.46 2.49
CA PRO A 95 7.54 4.01 2.25
C PRO A 95 7.34 3.57 0.79
N VAL A 96 6.71 4.42 -0.02
CA VAL A 96 6.48 4.08 -1.42
C VAL A 96 7.81 3.92 -2.15
N ASN A 97 8.79 4.73 -1.75
CA ASN A 97 10.11 4.69 -2.37
C ASN A 97 10.80 3.34 -2.15
N PHE A 98 10.55 2.71 -1.01
CA PHE A 98 11.19 1.43 -0.76
C PHE A 98 10.64 0.36 -1.71
N LYS A 99 9.36 0.41 -2.01
CA LYS A 99 8.78 -0.58 -2.92
C LYS A 99 9.44 -0.40 -4.28
N LEU A 100 9.70 0.84 -4.62
CA LEU A 100 10.34 1.17 -5.88
C LEU A 100 11.73 0.58 -5.90
N LEU A 101 12.45 0.71 -4.78
CA LEU A 101 13.80 0.16 -4.71
C LEU A 101 13.80 -1.36 -4.69
N SER A 102 12.94 -1.94 -3.86
CA SER A 102 12.85 -3.38 -3.77
C SER A 102 12.55 -4.01 -5.12
N HIS A 103 11.67 -3.33 -5.87
CA HIS A 103 11.26 -3.79 -7.18
C HIS A 103 12.46 -3.76 -8.10
N CYS A 104 13.15 -2.63 -8.12
CA CYS A 104 14.32 -2.48 -8.98
C CYS A 104 15.43 -3.48 -8.64
N LEU A 105 15.49 -3.98 -7.41
CA LEU A 105 16.52 -4.95 -7.04
C LEU A 105 16.08 -6.32 -7.54
N LEU A 106 14.76 -6.52 -7.61
CA LEU A 106 14.22 -7.78 -8.09
C LEU A 106 14.49 -7.83 -9.59
N VAL A 107 14.18 -6.74 -10.28
CA VAL A 107 14.40 -6.65 -11.72
C VAL A 107 15.87 -6.91 -12.04
N THR A 108 16.76 -6.22 -11.33
CA THR A 108 18.20 -6.38 -11.49
C THR A 108 18.62 -7.85 -11.28
N LEU A 109 18.17 -8.43 -10.17
CA LEU A 109 18.49 -9.82 -9.85
C LEU A 109 17.96 -10.79 -10.91
N ALA A 110 16.72 -10.57 -11.34
CA ALA A 110 16.10 -11.43 -12.34
C ALA A 110 16.91 -11.39 -13.61
N ALA A 111 17.48 -10.23 -13.90
CA ALA A 111 18.28 -10.03 -15.12
C ALA A 111 19.62 -10.74 -15.10
N HIS A 112 20.24 -10.80 -13.93
CA HIS A 112 21.55 -11.43 -13.79
C HIS A 112 21.53 -12.91 -13.49
N LEU A 113 20.60 -13.30 -12.63
CA LEU A 113 20.47 -14.69 -12.22
C LEU A 113 19.15 -15.33 -12.66
N PRO A 114 18.95 -15.48 -13.99
CA PRO A 114 17.74 -16.07 -14.58
C PRO A 114 17.23 -17.39 -13.99
N ALA A 115 18.11 -18.39 -13.94
CA ALA A 115 17.77 -19.71 -13.44
C ALA A 115 17.48 -19.81 -11.93
N GLU A 116 18.17 -18.98 -11.14
CA GLU A 116 17.99 -18.97 -9.69
C GLU A 116 16.75 -18.19 -9.26
N PHE A 117 16.38 -17.18 -10.05
CA PHE A 117 15.22 -16.33 -9.75
C PHE A 117 13.92 -17.08 -10.05
N THR A 118 13.76 -18.26 -9.48
CA THR A 118 12.55 -19.04 -9.68
C THR A 118 11.36 -18.30 -9.07
N PRO A 119 10.14 -18.80 -9.33
CA PRO A 119 8.95 -18.17 -8.77
C PRO A 119 9.01 -18.17 -7.24
N ALA A 120 9.50 -19.27 -6.67
CA ALA A 120 9.61 -19.43 -5.21
C ALA A 120 10.61 -18.43 -4.61
N VAL A 121 11.77 -18.30 -5.23
CA VAL A 121 12.80 -17.38 -4.76
C VAL A 121 12.28 -15.94 -4.91
N HIS A 122 11.53 -15.71 -5.98
CA HIS A 122 10.95 -14.40 -6.25
C HIS A 122 10.06 -14.02 -5.09
N ALA A 123 9.07 -14.87 -4.81
CA ALA A 123 8.15 -14.57 -3.72
C ALA A 123 8.93 -14.20 -2.46
N SER A 124 9.75 -15.16 -1.99
CA SER A 124 10.55 -14.96 -0.78
C SER A 124 11.39 -13.69 -0.73
N LEU A 125 12.11 -13.41 -1.81
CA LEU A 125 12.92 -12.20 -1.85
C LEU A 125 12.02 -10.97 -1.68
N ASP A 126 10.81 -11.04 -2.25
CA ASP A 126 9.87 -9.93 -2.15
C ASP A 126 9.43 -9.72 -0.70
N LYS A 127 9.09 -10.80 -0.01
CA LYS A 127 8.67 -10.71 1.38
C LYS A 127 9.80 -10.19 2.25
N PHE A 128 11.02 -10.64 1.95
CA PHE A 128 12.22 -10.24 2.68
C PHE A 128 12.43 -8.74 2.60
N LEU A 129 12.46 -8.23 1.37
CA LEU A 129 12.66 -6.79 1.15
C LEU A 129 11.53 -6.01 1.81
N ALA A 130 10.29 -6.49 1.65
CA ALA A 130 9.13 -5.84 2.27
C ALA A 130 9.31 -5.75 3.77
N SER A 131 9.88 -6.78 4.39
CA SER A 131 10.12 -6.76 5.83
C SER A 131 11.25 -5.80 6.18
N VAL A 132 12.26 -5.74 5.30
CA VAL A 132 13.39 -4.83 5.51
C VAL A 132 12.87 -3.40 5.37
N SER A 133 11.95 -3.19 4.44
CA SER A 133 11.39 -1.87 4.21
C SER A 133 10.60 -1.39 5.42
N THR A 134 9.92 -2.32 6.07
CA THR A 134 9.13 -1.98 7.23
C THR A 134 10.00 -1.57 8.40
N VAL A 135 11.13 -2.24 8.58
CA VAL A 135 12.04 -1.89 9.67
C VAL A 135 12.68 -0.51 9.45
N LEU A 136 13.14 -0.25 8.23
CA LEU A 136 13.79 1.03 7.90
C LEU A 136 12.83 2.21 7.89
N THR A 137 11.56 1.94 7.63
CA THR A 137 10.56 3.00 7.58
C THR A 137 9.78 3.16 8.88
N SER A 138 10.19 2.43 9.91
CA SER A 138 9.52 2.47 11.21
C SER A 138 10.32 3.18 12.30
N LYS A 139 9.61 3.72 13.29
CA LYS A 139 10.24 4.36 14.45
C LYS A 139 9.84 3.53 15.66
N TYR A 140 10.80 2.75 16.15
CA TYR A 140 10.55 1.84 17.24
C TYR A 140 11.46 1.86 18.46
N ARG A 141 12.47 2.72 18.50
CA ARG A 141 13.30 2.72 19.69
C ARG A 141 12.49 3.23 20.90
N VAL B 1 -0.09 7.24 -22.25
CA VAL B 1 1.36 7.07 -21.96
C VAL B 1 2.19 7.63 -23.10
N HIS B 2 3.02 8.62 -22.81
CA HIS B 2 3.86 9.22 -23.83
C HIS B 2 5.21 8.54 -23.86
N LEU B 3 5.66 8.18 -25.05
CA LEU B 3 6.97 7.57 -25.24
C LEU B 3 7.64 8.36 -26.36
N THR B 4 8.90 8.74 -26.18
CA THR B 4 9.65 9.47 -27.21
C THR B 4 9.82 8.46 -28.36
N PRO B 5 10.08 8.92 -29.60
CA PRO B 5 10.24 7.93 -30.67
C PRO B 5 11.14 6.75 -30.33
N GLU B 6 12.37 7.06 -29.95
CA GLU B 6 13.38 6.05 -29.62
C GLU B 6 12.86 4.92 -28.74
N GLU B 7 12.14 5.26 -27.67
CA GLU B 7 11.60 4.26 -26.77
C GLU B 7 10.59 3.36 -27.46
N LYS B 8 9.76 3.95 -28.31
CA LYS B 8 8.70 3.23 -29.02
C LYS B 8 9.19 2.10 -29.94
N THR B 9 10.40 2.24 -30.43
CA THR B 9 11.00 1.25 -31.33
C THR B 9 11.73 0.18 -30.54
N ALA B 10 12.26 0.61 -29.39
CA ALA B 10 13.00 -0.25 -28.48
C ALA B 10 12.05 -1.16 -27.69
N VAL B 11 10.95 -0.57 -27.21
CA VAL B 11 9.94 -1.30 -26.46
C VAL B 11 9.31 -2.37 -27.35
N ASN B 12 8.93 -1.96 -28.55
CA ASN B 12 8.29 -2.84 -29.50
C ASN B 12 9.29 -3.81 -30.14
N ALA B 13 10.58 -3.51 -30.02
CA ALA B 13 11.59 -4.38 -30.58
C ALA B 13 11.80 -5.54 -29.59
N LEU B 14 11.80 -5.24 -28.29
CA LEU B 14 11.97 -6.30 -27.29
C LEU B 14 10.68 -7.13 -27.21
N TRP B 15 9.54 -6.45 -27.29
CA TRP B 15 8.26 -7.12 -27.20
C TRP B 15 8.04 -8.09 -28.35
N GLY B 16 8.57 -7.74 -29.51
CA GLY B 16 8.44 -8.58 -30.68
C GLY B 16 9.15 -9.91 -30.54
N LYS B 17 10.02 -10.00 -29.51
CA LYS B 17 10.78 -11.22 -29.24
C LYS B 17 10.14 -12.02 -28.13
N VAL B 18 9.11 -11.44 -27.53
CA VAL B 18 8.40 -12.07 -26.44
C VAL B 18 7.65 -13.33 -26.88
N ASN B 19 7.85 -14.43 -26.17
CA ASN B 19 7.14 -15.66 -26.50
C ASN B 19 5.72 -15.43 -25.99
N VAL B 20 4.78 -15.29 -26.91
CA VAL B 20 3.39 -14.99 -26.56
C VAL B 20 2.63 -16.11 -25.87
N ASP B 21 3.19 -17.32 -25.88
CA ASP B 21 2.54 -18.45 -25.24
C ASP B 21 3.06 -18.74 -23.83
N ALA B 22 4.14 -18.06 -23.42
CA ALA B 22 4.69 -18.32 -22.09
C ALA B 22 4.73 -17.15 -21.12
N VAL B 23 5.27 -16.02 -21.58
CA VAL B 23 5.42 -14.81 -20.76
C VAL B 23 4.18 -14.42 -19.96
N GLY B 24 3.01 -14.52 -20.58
CA GLY B 24 1.79 -14.17 -19.87
C GLY B 24 1.56 -15.15 -18.73
N GLY B 25 1.75 -16.43 -19.03
CA GLY B 25 1.56 -17.44 -18.02
C GLY B 25 2.59 -17.29 -16.94
N GLU B 26 3.80 -16.87 -17.30
CA GLU B 26 4.83 -16.68 -16.28
C GLU B 26 4.46 -15.52 -15.36
N ALA B 27 4.04 -14.39 -15.94
CA ALA B 27 3.68 -13.22 -15.15
C ALA B 27 2.49 -13.46 -14.22
N LEU B 28 1.45 -14.11 -14.73
CA LEU B 28 0.25 -14.42 -13.94
C LEU B 28 0.58 -15.45 -12.87
N GLY B 29 1.36 -16.47 -13.24
CA GLY B 29 1.74 -17.47 -12.27
C GLY B 29 2.53 -16.84 -11.14
N ARG B 30 3.50 -15.99 -11.50
CA ARG B 30 4.30 -15.32 -10.49
C ARG B 30 3.45 -14.44 -9.56
N LEU B 31 2.47 -13.70 -10.11
CA LEU B 31 1.59 -12.89 -9.28
C LEU B 31 0.92 -13.79 -8.22
N LEU B 32 0.34 -14.91 -8.69
CA LEU B 32 -0.33 -15.87 -7.79
C LEU B 32 0.58 -16.47 -6.73
N VAL B 33 1.85 -16.64 -7.08
CA VAL B 33 2.85 -17.20 -6.16
C VAL B 33 3.45 -16.13 -5.24
N VAL B 34 3.81 -14.99 -5.81
CA VAL B 34 4.39 -13.91 -5.02
C VAL B 34 3.37 -13.17 -4.14
N TYR B 35 2.15 -13.02 -4.64
CA TYR B 35 1.11 -12.33 -3.88
C TYR B 35 -0.08 -13.30 -3.80
N PRO B 36 0.05 -14.32 -2.92
CA PRO B 36 -0.87 -15.42 -2.61
C PRO B 36 -2.36 -15.14 -2.77
N TRP B 37 -2.83 -14.08 -2.10
CA TRP B 37 -4.22 -13.69 -2.14
C TRP B 37 -4.83 -13.50 -3.53
N THR B 38 -4.02 -13.28 -4.55
CA THR B 38 -4.60 -13.11 -5.89
C THR B 38 -5.16 -14.40 -6.43
N GLN B 39 -4.92 -15.50 -5.72
CA GLN B 39 -5.41 -16.83 -6.09
C GLN B 39 -6.91 -16.97 -5.89
N ARG B 40 -7.46 -16.10 -5.04
CA ARG B 40 -8.88 -16.15 -4.74
C ARG B 40 -9.77 -15.85 -5.94
N PHE B 41 -9.24 -15.05 -6.86
CA PHE B 41 -9.98 -14.65 -8.05
C PHE B 41 -9.91 -15.71 -9.14
N PHE B 42 -9.11 -16.76 -8.90
CA PHE B 42 -8.92 -17.85 -9.85
C PHE B 42 -9.13 -19.23 -9.20
N GLU B 43 -10.04 -19.32 -8.22
CA GLU B 43 -10.31 -20.54 -7.46
C GLU B 43 -10.84 -21.77 -8.21
N SER B 44 -11.37 -21.56 -9.41
CA SER B 44 -11.92 -22.66 -10.19
C SER B 44 -10.87 -23.19 -11.18
N PHE B 45 -9.68 -22.62 -11.14
CA PHE B 45 -8.60 -23.01 -12.03
C PHE B 45 -7.91 -24.29 -11.58
N GLY B 46 -8.26 -24.80 -10.40
CA GLY B 46 -7.65 -26.04 -9.92
C GLY B 46 -6.48 -25.95 -8.94
N ASP B 47 -5.40 -26.69 -9.23
CA ASP B 47 -4.28 -26.67 -8.31
C ASP B 47 -3.31 -25.51 -8.37
N LEU B 48 -3.33 -24.76 -7.28
CA LEU B 48 -2.51 -23.61 -7.02
C LEU B 48 -1.95 -23.86 -5.61
N SER B 49 -1.85 -25.14 -5.25
CA SER B 49 -1.38 -25.53 -3.93
C SER B 49 0.15 -25.55 -3.70
N SER B 50 0.88 -25.03 -4.69
CA SER B 50 2.36 -24.93 -4.63
C SER B 50 2.82 -24.15 -5.86
N PRO B 51 4.04 -23.57 -5.82
CA PRO B 51 4.57 -22.83 -6.96
C PRO B 51 4.51 -23.61 -8.29
N ASP B 52 5.03 -24.83 -8.27
CA ASP B 52 5.08 -25.70 -9.45
C ASP B 52 3.72 -26.01 -10.05
N ALA B 53 2.74 -26.20 -9.17
CA ALA B 53 1.37 -26.52 -9.55
C ALA B 53 0.78 -25.28 -10.22
N VAL B 54 1.08 -24.12 -9.66
CA VAL B 54 0.59 -22.86 -10.18
C VAL B 54 1.21 -22.58 -11.56
N MET B 55 2.54 -22.66 -11.63
CA MET B 55 3.26 -22.41 -12.87
C MET B 55 2.96 -23.44 -13.95
N GLY B 56 2.63 -24.66 -13.53
CA GLY B 56 2.33 -25.70 -14.50
C GLY B 56 0.86 -25.76 -14.88
N ASN B 57 0.01 -25.15 -14.06
CA ASN B 57 -1.41 -25.14 -14.29
C ASN B 57 -1.82 -24.68 -15.69
N PRO B 58 -2.49 -25.58 -16.44
CA PRO B 58 -2.99 -25.34 -17.80
C PRO B 58 -3.78 -24.05 -17.93
N LYS B 59 -4.70 -23.83 -17.00
CA LYS B 59 -5.52 -22.65 -17.04
C LYS B 59 -4.78 -21.35 -16.71
N VAL B 60 -3.72 -21.44 -15.91
CA VAL B 60 -2.93 -20.25 -15.61
C VAL B 60 -2.24 -19.87 -16.91
N LYS B 61 -1.61 -20.84 -17.58
CA LYS B 61 -0.93 -20.61 -18.86
C LYS B 61 -1.89 -20.07 -19.92
N ALA B 62 -3.09 -20.63 -19.99
CA ALA B 62 -4.06 -20.18 -20.99
C ALA B 62 -4.55 -18.76 -20.78
N HIS B 63 -4.91 -18.42 -19.55
CA HIS B 63 -5.40 -17.09 -19.21
C HIS B 63 -4.29 -16.04 -19.30
N GLY B 64 -3.06 -16.46 -19.02
CA GLY B 64 -1.94 -15.56 -19.09
C GLY B 64 -1.71 -15.05 -20.51
N LYS B 65 -2.10 -15.84 -21.50
CA LYS B 65 -1.95 -15.46 -22.90
C LYS B 65 -2.92 -14.31 -23.20
N LYS B 66 -4.11 -14.41 -22.63
CA LYS B 66 -5.15 -13.40 -22.80
C LYS B 66 -4.71 -12.11 -22.09
N VAL B 67 -3.98 -12.24 -21.00
CA VAL B 67 -3.50 -11.08 -20.26
C VAL B 67 -2.41 -10.36 -21.06
N LEU B 68 -1.48 -11.13 -21.62
CA LEU B 68 -0.38 -10.56 -22.42
C LEU B 68 -0.95 -9.83 -23.64
N GLY B 69 -1.98 -10.41 -24.25
CA GLY B 69 -2.61 -9.82 -25.41
C GLY B 69 -3.18 -8.45 -25.10
N ALA B 70 -3.81 -8.34 -23.93
CA ALA B 70 -4.36 -7.06 -23.52
C ALA B 70 -3.19 -6.08 -23.39
N PHE B 71 -2.03 -6.59 -22.96
CA PHE B 71 -0.83 -5.75 -22.80
C PHE B 71 -0.25 -5.35 -24.16
N SER B 72 -0.32 -6.24 -25.13
CA SER B 72 0.18 -5.94 -26.47
C SER B 72 -0.80 -4.96 -27.11
N ASP B 73 -2.07 -5.15 -26.79
CA ASP B 73 -3.11 -4.29 -27.31
C ASP B 73 -2.93 -2.87 -26.80
N GLY B 74 -2.39 -2.73 -25.60
CA GLY B 74 -2.18 -1.40 -25.06
C GLY B 74 -1.01 -0.74 -25.77
N LEU B 75 0.09 -1.48 -25.94
CA LEU B 75 1.27 -0.93 -26.60
C LEU B 75 0.90 -0.32 -27.95
N ALA B 76 -0.25 -0.72 -28.47
CA ALA B 76 -0.69 -0.22 -29.77
C ALA B 76 -1.64 0.96 -29.63
N HIS B 77 -2.13 1.19 -28.41
CA HIS B 77 -3.07 2.29 -28.15
C HIS B 77 -2.74 3.04 -26.87
N LEU B 78 -1.49 3.47 -26.74
CA LEU B 78 -1.03 4.22 -25.57
C LEU B 78 -1.69 5.60 -25.47
N ASP B 79 -2.35 6.04 -26.54
CA ASP B 79 -3.02 7.34 -26.52
C ASP B 79 -4.53 7.25 -26.19
N ASN B 80 -5.09 6.04 -26.15
CA ASN B 80 -6.51 5.85 -25.80
C ASN B 80 -6.71 4.69 -24.81
N LEU B 81 -5.82 4.60 -23.81
CA LEU B 81 -5.87 3.51 -22.80
C LEU B 81 -7.14 3.37 -21.96
N LYS B 82 -7.61 4.46 -21.38
CA LYS B 82 -8.82 4.39 -20.57
C LYS B 82 -10.02 4.02 -21.45
N GLY B 83 -9.90 4.35 -22.72
CA GLY B 83 -10.95 4.02 -23.66
C GLY B 83 -10.87 2.57 -24.05
N THR B 84 -9.69 2.18 -24.54
CA THR B 84 -9.46 0.81 -24.97
C THR B 84 -9.69 -0.20 -23.85
N PHE B 85 -9.34 0.18 -22.64
CA PHE B 85 -9.49 -0.70 -21.48
C PHE B 85 -10.78 -0.50 -20.71
N SER B 86 -11.74 0.21 -21.29
CA SER B 86 -13.01 0.45 -20.58
C SER B 86 -13.79 -0.81 -20.19
N GLN B 87 -13.98 -1.76 -21.12
CA GLN B 87 -14.70 -2.99 -20.80
C GLN B 87 -14.06 -3.81 -19.68
N LEU B 88 -12.74 -3.97 -19.73
CA LEU B 88 -12.01 -4.73 -18.72
C LEU B 88 -12.01 -4.05 -17.35
N SER B 89 -12.05 -2.72 -17.38
CA SER B 89 -12.08 -1.94 -16.15
C SER B 89 -13.41 -2.25 -15.48
N GLU B 90 -14.45 -2.35 -16.30
CA GLU B 90 -15.80 -2.66 -15.84
C GLU B 90 -15.80 -4.08 -15.25
N LEU B 91 -15.12 -4.98 -15.93
CA LEU B 91 -15.03 -6.36 -15.49
C LEU B 91 -14.26 -6.52 -14.18
N HIS B 92 -13.04 -5.97 -14.14
CA HIS B 92 -12.17 -6.07 -12.98
C HIS B 92 -12.59 -5.28 -11.75
N CYS B 93 -13.13 -4.09 -11.97
CA CYS B 93 -13.54 -3.24 -10.85
C CYS B 93 -14.95 -3.51 -10.34
N ASP B 94 -15.95 -3.46 -11.22
CA ASP B 94 -17.34 -3.66 -10.79
C ASP B 94 -17.93 -5.08 -10.60
N LYS B 95 -17.49 -6.06 -11.42
CA LYS B 95 -17.95 -7.47 -11.40
C LYS B 95 -17.06 -8.38 -10.51
N LEU B 96 -15.76 -8.13 -10.63
CA LEU B 96 -14.70 -8.87 -9.94
C LEU B 96 -14.23 -8.37 -8.57
N HIS B 97 -14.20 -7.06 -8.38
CA HIS B 97 -13.77 -6.43 -7.13
C HIS B 97 -12.30 -6.63 -6.81
N VAL B 98 -11.48 -6.44 -7.83
CA VAL B 98 -10.04 -6.55 -7.73
C VAL B 98 -9.46 -5.20 -7.32
N ASP B 99 -8.90 -5.12 -6.12
CA ASP B 99 -8.31 -3.87 -5.64
C ASP B 99 -7.27 -3.41 -6.66
N PRO B 100 -7.25 -2.10 -6.99
CA PRO B 100 -6.33 -1.51 -7.96
C PRO B 100 -4.84 -1.78 -7.70
N GLU B 101 -4.48 -1.91 -6.44
CA GLU B 101 -3.08 -2.16 -6.09
C GLU B 101 -2.56 -3.42 -6.76
N ASN B 102 -3.45 -4.36 -7.06
CA ASN B 102 -3.02 -5.60 -7.69
C ASN B 102 -2.67 -5.38 -9.17
N PHE B 103 -3.25 -4.38 -9.81
CA PHE B 103 -2.95 -4.09 -11.23
C PHE B 103 -1.49 -3.61 -11.34
N ARG B 104 -1.09 -2.82 -10.35
CA ARG B 104 0.26 -2.26 -10.26
C ARG B 104 1.22 -3.44 -10.08
N LEU B 105 0.92 -4.31 -9.14
CA LEU B 105 1.76 -5.48 -8.88
C LEU B 105 1.91 -6.35 -10.15
N LEU B 106 0.82 -6.58 -10.88
CA LEU B 106 0.95 -7.42 -12.05
C LEU B 106 1.83 -6.76 -13.11
N GLY B 107 1.70 -5.45 -13.27
CA GLY B 107 2.52 -4.72 -14.24
C GLY B 107 4.01 -4.85 -13.94
N ASN B 108 4.36 -4.80 -12.65
CA ASN B 108 5.74 -4.93 -12.17
C ASN B 108 6.26 -6.34 -12.33
N VAL B 109 5.42 -7.32 -12.04
CA VAL B 109 5.83 -8.71 -12.18
C VAL B 109 6.12 -8.94 -13.67
N LEU B 110 5.30 -8.36 -14.52
CA LEU B 110 5.53 -8.51 -15.95
C LEU B 110 6.96 -8.00 -16.21
N VAL B 111 7.28 -6.84 -15.64
CA VAL B 111 8.62 -6.25 -15.81
C VAL B 111 9.70 -7.24 -15.35
N CYS B 112 9.54 -7.78 -14.14
CA CYS B 112 10.50 -8.76 -13.61
C CYS B 112 10.66 -9.91 -14.61
N VAL B 113 9.54 -10.40 -15.12
CA VAL B 113 9.58 -11.51 -16.07
C VAL B 113 10.35 -11.10 -17.33
N LEU B 114 10.13 -9.87 -17.77
CA LEU B 114 10.83 -9.36 -18.95
C LEU B 114 12.34 -9.33 -18.66
N ALA B 115 12.70 -8.91 -17.44
CA ALA B 115 14.11 -8.83 -17.04
C ALA B 115 14.71 -10.22 -17.00
N ARG B 116 13.90 -11.18 -16.56
CA ARG B 116 14.38 -12.54 -16.46
C ARG B 116 14.56 -13.18 -17.83
N ASN B 117 13.61 -12.98 -18.75
CA ASN B 117 13.75 -13.60 -20.07
C ASN B 117 14.69 -12.87 -21.06
N PHE B 118 15.03 -11.60 -20.80
CA PHE B 118 15.90 -10.86 -21.71
C PHE B 118 17.25 -10.32 -21.22
N GLY B 119 17.52 -10.41 -19.92
CA GLY B 119 18.82 -9.96 -19.38
C GLY B 119 19.38 -8.57 -19.65
N LYS B 120 20.62 -8.53 -20.15
CA LYS B 120 21.38 -7.31 -20.48
C LYS B 120 20.61 -6.37 -21.42
N GLU B 121 19.69 -6.97 -22.18
CA GLU B 121 18.87 -6.23 -23.14
C GLU B 121 17.85 -5.40 -22.41
N PHE B 122 17.33 -5.93 -21.31
CA PHE B 122 16.35 -5.19 -20.53
C PHE B 122 17.18 -4.17 -19.73
N THR B 123 17.64 -3.13 -20.43
CA THR B 123 18.44 -2.08 -19.83
C THR B 123 17.61 -1.17 -18.94
N PRO B 124 18.27 -0.31 -18.15
CA PRO B 124 17.54 0.61 -17.27
C PRO B 124 16.64 1.55 -18.08
N GLN B 125 17.03 1.84 -19.31
CA GLN B 125 16.24 2.73 -20.17
C GLN B 125 15.01 1.98 -20.66
N MET B 126 15.23 0.70 -21.02
CA MET B 126 14.17 -0.15 -21.51
C MET B 126 13.12 -0.33 -20.42
N GLN B 127 13.60 -0.57 -19.19
CA GLN B 127 12.71 -0.77 -18.06
C GLN B 127 11.91 0.50 -17.81
N ALA B 128 12.61 1.63 -17.82
CA ALA B 128 11.98 2.93 -17.58
C ALA B 128 10.82 3.12 -18.53
N ALA B 129 11.06 2.82 -19.80
CA ALA B 129 10.06 2.96 -20.83
C ALA B 129 8.88 2.05 -20.55
N TYR B 130 9.18 0.81 -20.15
CA TYR B 130 8.15 -0.18 -19.86
C TYR B 130 7.35 0.12 -18.59
N GLN B 131 7.94 0.86 -17.66
CA GLN B 131 7.26 1.18 -16.41
C GLN B 131 6.11 2.16 -16.68
N LYS B 132 6.35 3.06 -17.63
CA LYS B 132 5.32 4.02 -18.00
C LYS B 132 4.15 3.27 -18.65
N VAL B 133 4.46 2.20 -19.36
CA VAL B 133 3.42 1.41 -20.03
C VAL B 133 2.53 0.69 -19.01
N VAL B 134 3.14 -0.12 -18.16
CA VAL B 134 2.35 -0.86 -17.18
C VAL B 134 1.55 0.04 -16.26
N ALA B 135 2.15 1.14 -15.82
CA ALA B 135 1.43 2.06 -14.95
C ALA B 135 0.29 2.62 -15.79
N GLY B 136 0.55 2.77 -17.08
CA GLY B 136 -0.48 3.29 -17.98
C GLY B 136 -1.62 2.27 -18.10
N VAL B 137 -1.25 1.01 -18.13
CA VAL B 137 -2.25 -0.04 -18.25
C VAL B 137 -3.00 -0.22 -16.94
N ALA B 138 -2.30 -0.14 -15.83
CA ALA B 138 -2.92 -0.31 -14.52
C ALA B 138 -3.86 0.85 -14.21
N ASN B 139 -3.45 2.07 -14.59
CA ASN B 139 -4.28 3.25 -14.35
C ASN B 139 -5.57 3.17 -15.15
N ALA B 140 -5.45 2.67 -16.38
CA ALA B 140 -6.59 2.52 -17.27
C ALA B 140 -7.60 1.50 -16.73
N LEU B 141 -7.11 0.40 -16.17
CA LEU B 141 -7.98 -0.64 -15.60
C LEU B 141 -8.62 -0.17 -14.31
N ALA B 142 -7.96 0.73 -13.61
CA ALA B 142 -8.47 1.21 -12.35
C ALA B 142 -9.44 2.37 -12.50
N HIS B 143 -9.61 2.86 -13.71
CA HIS B 143 -10.47 4.01 -13.93
C HIS B 143 -11.83 3.98 -13.24
N LYS B 144 -12.52 2.84 -13.31
CA LYS B 144 -13.84 2.73 -12.69
C LYS B 144 -13.83 3.16 -11.24
N TYR B 145 -12.65 3.15 -10.63
CA TYR B 145 -12.51 3.55 -9.23
C TYR B 145 -12.22 5.05 -9.15
N HIS B 146 -11.52 5.55 -10.17
CA HIS B 146 -11.15 6.95 -10.26
C HIS B 146 -12.38 7.83 -10.48
N VAL C 1 7.20 -1.92 12.74
CA VAL C 1 7.83 -2.41 14.01
C VAL C 1 7.34 -1.56 15.17
N LEU C 2 6.76 -2.21 16.17
CA LEU C 2 6.24 -1.51 17.32
C LEU C 2 7.32 -1.13 18.34
N SER C 3 7.20 0.08 18.88
CA SER C 3 8.14 0.55 19.86
C SER C 3 7.63 0.16 21.25
N PRO C 4 8.48 0.34 22.26
CA PRO C 4 8.07 0.00 23.63
C PRO C 4 6.94 0.95 24.06
N ALA C 5 6.90 2.13 23.43
CA ALA C 5 5.88 3.14 23.72
C ALA C 5 4.59 2.84 22.98
N ASP C 6 4.70 2.18 21.83
CA ASP C 6 3.50 1.82 21.06
C ASP C 6 2.69 0.77 21.83
N LYS C 7 3.35 -0.30 22.25
CA LYS C 7 2.71 -1.39 22.97
C LYS C 7 1.96 -0.89 24.18
N THR C 8 2.58 0.07 24.85
CA THR C 8 2.05 0.68 26.04
C THR C 8 0.78 1.48 25.79
N ASN C 9 0.66 2.05 24.60
CA ASN C 9 -0.53 2.82 24.29
C ASN C 9 -1.66 1.86 23.95
N VAL C 10 -1.34 0.85 23.16
CA VAL C 10 -2.33 -0.13 22.75
C VAL C 10 -2.93 -0.83 23.96
N LYS C 11 -2.06 -1.31 24.85
CA LYS C 11 -2.53 -2.00 26.04
C LYS C 11 -3.43 -1.10 26.88
N ALA C 12 -3.04 0.16 27.05
CA ALA C 12 -3.87 1.08 27.83
C ALA C 12 -5.24 1.27 27.20
N ALA C 13 -5.24 1.57 25.90
CA ALA C 13 -6.47 1.82 25.14
C ALA C 13 -7.44 0.68 24.84
N TRP C 14 -6.92 -0.54 24.65
CA TRP C 14 -7.79 -1.68 24.35
C TRP C 14 -8.31 -2.29 25.64
N GLY C 15 -7.84 -1.72 26.74
CA GLY C 15 -8.26 -2.20 28.03
C GLY C 15 -9.53 -1.49 28.42
N LYS C 16 -9.76 -0.30 27.89
CA LYS C 16 -10.97 0.43 28.25
C LYS C 16 -12.18 -0.12 27.54
N VAL C 17 -11.93 -0.94 26.52
CA VAL C 17 -13.00 -1.55 25.77
C VAL C 17 -13.82 -2.42 26.73
N GLY C 18 -13.10 -3.14 27.59
CA GLY C 18 -13.74 -3.99 28.58
C GLY C 18 -14.79 -4.94 28.02
N ALA C 19 -16.05 -4.73 28.38
CA ALA C 19 -17.11 -5.60 27.90
C ALA C 19 -17.69 -5.13 26.56
N HIS C 20 -17.25 -3.96 26.10
CA HIS C 20 -17.71 -3.40 24.83
C HIS C 20 -16.65 -3.74 23.79
N ALA C 21 -16.08 -4.94 23.86
CA ALA C 21 -15.04 -5.32 22.92
C ALA C 21 -15.58 -5.80 21.60
N GLY C 22 -16.76 -6.40 21.66
CA GLY C 22 -17.42 -6.92 20.49
C GLY C 22 -18.76 -6.25 20.40
N GLU C 23 -18.73 -4.93 20.55
CA GLU C 23 -19.91 -4.06 20.43
C GLU C 23 -19.20 -3.09 19.52
N TYR C 24 -17.89 -3.07 19.70
CA TYR C 24 -16.97 -2.24 18.93
C TYR C 24 -16.54 -2.98 17.67
N GLY C 25 -16.44 -4.32 17.79
CA GLY C 25 -16.05 -5.15 16.66
C GLY C 25 -17.19 -5.30 15.68
N ALA C 26 -18.41 -5.26 16.22
CA ALA C 26 -19.59 -5.36 15.40
C ALA C 26 -19.76 -4.05 14.66
N GLU C 27 -19.53 -2.95 15.37
CA GLU C 27 -19.67 -1.63 14.75
C GLU C 27 -18.68 -1.41 13.61
N ALA C 28 -17.41 -1.69 13.87
CA ALA C 28 -16.37 -1.53 12.86
C ALA C 28 -16.69 -2.37 11.63
N LEU C 29 -17.30 -3.53 11.88
CA LEU C 29 -17.65 -4.46 10.81
C LEU C 29 -18.77 -3.92 9.96
N GLU C 30 -19.77 -3.36 10.64
CA GLU C 30 -20.94 -2.79 9.98
C GLU C 30 -20.46 -1.55 9.23
N ARG C 31 -19.63 -0.76 9.92
CA ARG C 31 -19.09 0.45 9.34
C ARG C 31 -18.34 0.11 8.06
N MET C 32 -17.63 -1.02 8.09
CA MET C 32 -16.84 -1.49 6.97
C MET C 32 -17.73 -1.97 5.82
N PHE C 33 -18.78 -2.70 6.17
CA PHE C 33 -19.72 -3.23 5.18
C PHE C 33 -20.45 -2.11 4.46
N LEU C 34 -20.84 -1.10 5.23
CA LEU C 34 -21.57 0.03 4.69
C LEU C 34 -20.65 0.98 3.92
N SER C 35 -19.50 1.29 4.49
CA SER C 35 -18.54 2.21 3.86
C SER C 35 -17.84 1.63 2.64
N PHE C 36 -17.46 0.36 2.76
CA PHE C 36 -16.74 -0.32 1.69
C PHE C 36 -17.42 -1.66 1.35
N PRO C 37 -18.55 -1.60 0.62
CA PRO C 37 -19.38 -2.73 0.18
C PRO C 37 -18.74 -4.02 -0.35
N THR C 38 -17.59 -3.93 -1.02
CA THR C 38 -16.92 -5.10 -1.58
C THR C 38 -16.46 -6.10 -0.50
N THR C 39 -16.28 -5.60 0.72
CA THR C 39 -15.84 -6.43 1.83
C THR C 39 -16.89 -7.47 2.16
N LYS C 40 -18.14 -7.20 1.78
CA LYS C 40 -19.22 -8.13 2.05
C LYS C 40 -19.11 -9.39 1.21
N THR C 41 -18.27 -9.34 0.17
CA THR C 41 -18.08 -10.48 -0.72
C THR C 41 -17.37 -11.62 0.02
N TYR C 42 -16.79 -11.29 1.17
CA TYR C 42 -16.10 -12.29 1.97
C TYR C 42 -17.09 -12.96 2.91
N PHE C 43 -18.33 -12.45 2.94
CA PHE C 43 -19.37 -13.03 3.78
C PHE C 43 -20.65 -13.29 2.98
N PRO C 44 -20.54 -14.17 1.99
CA PRO C 44 -21.64 -14.57 1.09
C PRO C 44 -22.91 -15.08 1.74
N HIS C 45 -22.75 -15.92 2.77
CA HIS C 45 -23.88 -16.54 3.44
C HIS C 45 -24.14 -16.01 4.83
N PHE C 46 -23.77 -14.75 5.03
CA PHE C 46 -23.97 -14.04 6.29
C PHE C 46 -25.15 -13.12 6.13
N ASP C 47 -25.87 -12.91 7.24
CA ASP C 47 -27.00 -12.01 7.26
C ASP C 47 -26.32 -10.70 7.63
N LEU C 48 -26.08 -9.85 6.65
CA LEU C 48 -25.38 -8.60 6.90
C LEU C 48 -26.34 -7.44 7.03
N SER C 49 -27.63 -7.75 7.10
CA SER C 49 -28.63 -6.72 7.25
C SER C 49 -28.31 -5.97 8.54
N HIS C 50 -28.74 -4.71 8.56
CA HIS C 50 -28.53 -3.83 9.71
C HIS C 50 -29.04 -4.42 11.03
N GLY C 51 -28.15 -4.53 12.01
CA GLY C 51 -28.52 -5.05 13.31
C GLY C 51 -28.59 -6.57 13.40
N SER C 52 -28.06 -7.24 12.38
CA SER C 52 -28.06 -8.70 12.33
C SER C 52 -27.34 -9.35 13.51
N ALA C 53 -27.87 -10.47 13.99
CA ALA C 53 -27.27 -11.18 15.12
C ALA C 53 -25.95 -11.85 14.75
N GLN C 54 -25.88 -12.36 13.53
CA GLN C 54 -24.67 -13.03 13.07
C GLN C 54 -23.48 -12.07 13.02
N VAL C 55 -23.72 -10.81 12.65
CA VAL C 55 -22.65 -9.83 12.59
C VAL C 55 -22.24 -9.40 14.00
N LYS C 56 -23.20 -9.42 14.92
CA LYS C 56 -22.87 -9.07 16.28
C LYS C 56 -21.96 -10.15 16.83
N GLY C 57 -22.42 -11.40 16.70
CA GLY C 57 -21.64 -12.51 17.18
C GLY C 57 -20.26 -12.51 16.57
N HIS C 58 -20.20 -12.29 15.27
CA HIS C 58 -18.90 -12.26 14.61
C HIS C 58 -18.05 -11.09 15.09
N GLY C 59 -18.71 -10.02 15.57
CA GLY C 59 -17.99 -8.87 16.05
C GLY C 59 -17.28 -9.12 17.37
N LYS C 60 -17.84 -10.05 18.15
CA LYS C 60 -17.30 -10.42 19.45
C LYS C 60 -15.95 -11.13 19.26
N LYS C 61 -15.95 -12.17 18.41
CA LYS C 61 -14.74 -12.93 18.14
C LYS C 61 -13.62 -12.05 17.61
N VAL C 62 -13.94 -11.21 16.62
CA VAL C 62 -12.98 -10.29 16.05
C VAL C 62 -12.29 -9.52 17.17
N ALA C 63 -13.11 -8.92 18.02
CA ALA C 63 -12.68 -8.13 19.16
C ALA C 63 -11.84 -8.90 20.16
N ASP C 64 -12.24 -10.13 20.44
CA ASP C 64 -11.49 -10.97 21.38
C ASP C 64 -10.16 -11.36 20.76
N ALA C 65 -10.15 -11.55 19.43
CA ALA C 65 -8.93 -11.92 18.73
C ALA C 65 -7.90 -10.81 18.91
N LEU C 66 -8.37 -9.57 18.86
CA LEU C 66 -7.50 -8.43 19.03
C LEU C 66 -7.03 -8.34 20.49
N THR C 67 -7.89 -8.73 21.41
CA THR C 67 -7.52 -8.70 22.81
C THR C 67 -6.42 -9.71 23.06
N ASN C 68 -6.54 -10.88 22.43
CA ASN C 68 -5.53 -11.92 22.59
C ASN C 68 -4.27 -11.46 21.85
N ALA C 69 -4.46 -10.66 20.82
CA ALA C 69 -3.35 -10.13 20.06
C ALA C 69 -2.60 -9.15 20.95
N VAL C 70 -3.34 -8.30 21.64
CA VAL C 70 -2.73 -7.32 22.54
C VAL C 70 -1.90 -8.03 23.61
N ALA C 71 -2.45 -9.11 24.16
CA ALA C 71 -1.79 -9.88 25.19
C ALA C 71 -0.45 -10.49 24.75
N HIS C 72 -0.36 -10.91 23.50
CA HIS C 72 0.87 -11.51 23.01
C HIS C 72 1.46 -10.63 21.91
N VAL C 73 1.30 -9.33 22.07
CA VAL C 73 1.78 -8.34 21.11
C VAL C 73 3.25 -8.53 20.70
N ASP C 74 4.01 -9.27 21.50
CA ASP C 74 5.42 -9.52 21.22
C ASP C 74 5.73 -10.92 20.67
N ASP C 75 4.70 -11.65 20.27
CA ASP C 75 4.84 -13.01 19.73
C ASP C 75 3.62 -13.27 18.85
N MET C 76 3.13 -12.23 18.18
CA MET C 76 1.94 -12.35 17.32
C MET C 76 1.99 -13.47 16.25
N PRO C 77 3.12 -13.64 15.57
CA PRO C 77 3.15 -14.72 14.57
C PRO C 77 2.71 -16.06 15.16
N ASN C 78 3.30 -16.42 16.30
CA ASN C 78 2.95 -17.66 16.98
C ASN C 78 1.54 -17.57 17.53
N ALA C 79 1.25 -16.45 18.19
CA ALA C 79 -0.04 -16.20 18.80
C ALA C 79 -1.22 -16.30 17.84
N LEU C 80 -1.06 -15.76 16.64
CA LEU C 80 -2.11 -15.75 15.64
C LEU C 80 -1.90 -16.69 14.46
N SER C 81 -1.23 -17.83 14.69
CA SER C 81 -0.98 -18.77 13.61
C SER C 81 -2.27 -19.33 13.01
N ALA C 82 -3.31 -19.47 13.83
CA ALA C 82 -4.59 -20.00 13.36
C ALA C 82 -5.33 -19.03 12.46
N LEU C 83 -5.37 -17.76 12.88
CA LEU C 83 -6.06 -16.75 12.09
C LEU C 83 -5.35 -16.59 10.77
N SER C 84 -4.02 -16.75 10.80
CA SER C 84 -3.22 -16.63 9.59
C SER C 84 -3.59 -17.79 8.67
N ASP C 85 -3.86 -18.95 9.25
CA ASP C 85 -4.23 -20.11 8.45
C ASP C 85 -5.56 -19.84 7.79
N LEU C 86 -6.44 -19.17 8.52
CA LEU C 86 -7.77 -18.86 7.98
C LEU C 86 -7.80 -17.77 6.91
N HIS C 87 -7.23 -16.60 7.21
CA HIS C 87 -7.25 -15.48 6.27
C HIS C 87 -6.26 -15.54 5.12
N ALA C 88 -5.09 -16.11 5.37
CA ALA C 88 -4.05 -16.20 4.34
C ALA C 88 -4.14 -17.45 3.47
N HIS C 89 -4.25 -18.63 4.11
CA HIS C 89 -4.31 -19.87 3.34
C HIS C 89 -5.68 -20.24 2.74
N LYS C 90 -6.71 -20.25 3.60
CA LYS C 90 -8.10 -20.64 3.24
C LYS C 90 -9.02 -19.58 2.61
N LEU C 91 -8.99 -18.35 3.12
CA LEU C 91 -9.84 -17.28 2.59
C LEU C 91 -9.10 -16.37 1.63
N ARG C 92 -7.78 -16.37 1.71
CA ARG C 92 -6.94 -15.53 0.85
C ARG C 92 -7.51 -14.12 0.74
N VAL C 93 -7.68 -13.48 1.89
CA VAL C 93 -8.22 -12.12 1.98
C VAL C 93 -7.24 -11.08 1.45
N ASP C 94 -7.67 -10.29 0.48
CA ASP C 94 -6.78 -9.28 -0.07
C ASP C 94 -6.42 -8.29 1.04
N PRO C 95 -5.13 -7.96 1.17
CA PRO C 95 -4.50 -7.05 2.15
C PRO C 95 -5.20 -5.70 2.28
N VAL C 96 -5.75 -5.20 1.18
CA VAL C 96 -6.42 -3.92 1.20
C VAL C 96 -7.59 -3.91 2.19
N ASN C 97 -8.25 -5.05 2.33
CA ASN C 97 -9.40 -5.12 3.23
C ASN C 97 -9.02 -4.97 4.69
N PHE C 98 -7.81 -5.38 5.06
CA PHE C 98 -7.40 -5.24 6.45
C PHE C 98 -7.18 -3.76 6.75
N LYS C 99 -6.88 -2.99 5.73
CA LYS C 99 -6.68 -1.55 5.89
C LYS C 99 -8.04 -0.88 6.09
N LEU C 100 -9.05 -1.44 5.44
CA LEU C 100 -10.40 -0.92 5.55
C LEU C 100 -10.99 -1.14 6.95
N LEU C 101 -10.87 -2.36 7.46
CA LEU C 101 -11.40 -2.67 8.77
C LEU C 101 -10.59 -1.96 9.84
N SER C 102 -9.28 -1.94 9.69
CA SER C 102 -8.41 -1.27 10.65
C SER C 102 -8.90 0.15 10.83
N HIS C 103 -9.11 0.83 9.70
CA HIS C 103 -9.58 2.20 9.69
C HIS C 103 -10.92 2.30 10.38
N CYS C 104 -11.77 1.29 10.16
CA CYS C 104 -13.08 1.29 10.76
C CYS C 104 -13.02 1.01 12.26
N LEU C 105 -11.97 0.34 12.70
CA LEU C 105 -11.80 0.09 14.12
C LEU C 105 -11.31 1.40 14.73
N LEU C 106 -10.46 2.11 13.99
CA LEU C 106 -9.94 3.39 14.46
C LEU C 106 -11.06 4.43 14.57
N VAL C 107 -12.19 4.17 13.91
CA VAL C 107 -13.34 5.07 13.94
C VAL C 107 -14.27 4.73 15.09
N THR C 108 -14.38 3.45 15.40
CA THR C 108 -15.24 2.99 16.47
C THR C 108 -14.61 3.41 17.79
N LEU C 109 -13.28 3.49 17.79
CA LEU C 109 -12.55 3.88 18.99
C LEU C 109 -12.56 5.39 19.21
N ALA C 110 -12.37 6.15 18.14
CA ALA C 110 -12.37 7.61 18.23
C ALA C 110 -13.77 8.13 18.57
N ALA C 111 -14.77 7.34 18.20
CA ALA C 111 -16.17 7.69 18.46
C ALA C 111 -16.57 7.30 19.88
N HIS C 112 -16.25 6.07 20.27
CA HIS C 112 -16.59 5.58 21.59
C HIS C 112 -15.68 6.04 22.74
N LEU C 113 -14.37 6.19 22.49
CA LEU C 113 -13.40 6.58 23.52
C LEU C 113 -12.52 7.78 23.12
N PRO C 114 -13.11 8.98 22.93
CA PRO C 114 -12.42 10.23 22.55
C PRO C 114 -11.20 10.63 23.39
N ALA C 115 -11.29 10.37 24.68
CA ALA C 115 -10.23 10.73 25.62
C ALA C 115 -9.05 9.78 25.53
N GLU C 116 -9.25 8.65 24.87
CA GLU C 116 -8.18 7.67 24.72
C GLU C 116 -7.50 7.88 23.37
N PHE C 117 -8.29 8.30 22.38
CA PHE C 117 -7.80 8.51 21.00
C PHE C 117 -6.85 9.68 20.80
N THR C 118 -5.89 9.82 21.71
CA THR C 118 -4.89 10.89 21.59
C THR C 118 -4.15 10.64 20.29
N PRO C 119 -3.39 11.64 19.79
CA PRO C 119 -2.65 11.42 18.55
C PRO C 119 -1.62 10.30 18.65
N ALA C 120 -0.98 10.20 19.80
CA ALA C 120 0.03 9.16 20.01
C ALA C 120 -0.57 7.77 20.07
N VAL C 121 -1.78 7.64 20.63
CA VAL C 121 -2.45 6.33 20.73
C VAL C 121 -3.05 5.91 19.38
N HIS C 122 -3.43 6.90 18.60
CA HIS C 122 -4.01 6.74 17.27
C HIS C 122 -2.97 6.11 16.35
N ALA C 123 -1.80 6.73 16.35
CA ALA C 123 -0.65 6.32 15.56
C ALA C 123 -0.10 4.98 15.99
N SER C 124 -0.31 4.69 17.27
CA SER C 124 0.16 3.43 17.84
C SER C 124 -0.86 2.33 17.57
N LEU C 125 -2.14 2.69 17.53
CA LEU C 125 -3.16 1.67 17.25
C LEU C 125 -3.09 1.33 15.76
N ASP C 126 -2.70 2.32 14.96
CA ASP C 126 -2.58 2.16 13.51
C ASP C 126 -1.46 1.17 13.17
N LYS C 127 -0.29 1.37 13.78
CA LYS C 127 0.87 0.51 13.58
C LYS C 127 0.53 -0.90 14.05
N PHE C 128 0.01 -0.98 15.27
CA PHE C 128 -0.39 -2.23 15.87
C PHE C 128 -1.37 -3.01 14.98
N LEU C 129 -2.34 -2.32 14.39
CA LEU C 129 -3.31 -2.98 13.52
C LEU C 129 -2.70 -3.37 12.19
N ALA C 130 -1.62 -2.70 11.81
CA ALA C 130 -0.95 -3.00 10.56
C ALA C 130 -0.12 -4.26 10.76
N SER C 131 0.42 -4.43 11.97
CA SER C 131 1.21 -5.60 12.29
C SER C 131 0.37 -6.86 12.34
N VAL C 132 -0.85 -6.71 12.83
CA VAL C 132 -1.81 -7.82 12.92
C VAL C 132 -2.32 -8.16 11.52
N SER C 133 -2.39 -7.14 10.68
CA SER C 133 -2.84 -7.35 9.32
C SER C 133 -1.78 -8.13 8.54
N THR C 134 -0.52 -7.81 8.80
CA THR C 134 0.58 -8.50 8.12
C THR C 134 0.58 -9.96 8.53
N VAL C 135 0.55 -10.18 9.84
CA VAL C 135 0.54 -11.53 10.40
C VAL C 135 -0.61 -12.39 9.82
N LEU C 136 -1.78 -11.80 9.63
CA LEU C 136 -2.93 -12.54 9.11
C LEU C 136 -2.97 -12.66 7.58
N THR C 137 -2.12 -11.93 6.87
CA THR C 137 -2.11 -12.03 5.42
C THR C 137 -0.81 -12.67 4.95
N SER C 138 -0.02 -13.13 5.91
CA SER C 138 1.25 -13.79 5.61
C SER C 138 1.23 -15.27 5.91
N LYS C 139 1.76 -16.06 4.99
CA LYS C 139 1.89 -17.50 5.15
C LYS C 139 3.29 -17.70 5.71
N TYR C 140 3.41 -18.08 6.99
CA TYR C 140 4.73 -18.26 7.58
C TYR C 140 4.92 -19.63 8.22
N ARG C 141 4.13 -20.60 7.76
CA ARG C 141 4.25 -21.98 8.25
C ARG C 141 5.55 -22.56 7.68
N VAL D 1 -18.81 12.02 -7.36
CA VAL D 1 -19.31 11.57 -6.03
C VAL D 1 -20.81 11.68 -5.99
N HIS D 2 -21.44 10.53 -5.82
CA HIS D 2 -22.86 10.55 -5.73
C HIS D 2 -23.25 10.41 -4.32
N LEU D 3 -24.16 11.25 -3.94
CA LEU D 3 -24.66 11.22 -2.63
C LEU D 3 -26.10 11.33 -2.93
N THR D 4 -26.85 10.45 -2.25
CA THR D 4 -28.27 10.38 -2.36
C THR D 4 -28.76 11.64 -1.70
N PRO D 5 -30.03 11.96 -1.89
CA PRO D 5 -30.51 13.17 -1.24
C PRO D 5 -30.26 13.18 0.28
N GLU D 6 -30.55 12.07 1.00
CA GLU D 6 -30.35 12.01 2.45
C GLU D 6 -28.90 12.28 2.90
N GLU D 7 -27.96 11.68 2.18
CA GLU D 7 -26.54 11.82 2.47
C GLU D 7 -26.02 13.25 2.39
N LYS D 8 -26.36 13.93 1.29
CA LYS D 8 -25.94 15.30 1.04
C LYS D 8 -26.35 16.24 2.17
N THR D 9 -27.53 15.97 2.72
CA THR D 9 -28.12 16.74 3.80
C THR D 9 -27.50 16.45 5.15
N ALA D 10 -27.15 15.17 5.35
CA ALA D 10 -26.56 14.71 6.60
C ALA D 10 -25.07 15.06 6.62
N VAL D 11 -24.45 15.06 5.44
CA VAL D 11 -23.04 15.41 5.33
C VAL D 11 -22.87 16.88 5.74
N ASN D 12 -23.49 17.77 4.97
CA ASN D 12 -23.47 19.22 5.20
C ASN D 12 -23.75 19.62 6.65
N ALA D 13 -24.73 18.96 7.25
CA ALA D 13 -25.18 19.24 8.61
C ALA D 13 -24.07 19.12 9.63
N LEU D 14 -23.29 18.05 9.50
CA LEU D 14 -22.19 17.80 10.40
C LEU D 14 -21.06 18.76 10.02
N TRP D 15 -20.80 18.89 8.72
CA TRP D 15 -19.74 19.76 8.25
C TRP D 15 -19.96 21.20 8.67
N GLY D 16 -21.23 21.57 8.89
CA GLY D 16 -21.57 22.91 9.31
C GLY D 16 -21.23 23.13 10.77
N LYS D 17 -21.09 22.03 11.51
CA LYS D 17 -20.75 22.09 12.93
C LYS D 17 -19.25 21.93 13.13
N VAL D 18 -18.52 21.67 12.05
CA VAL D 18 -17.07 21.50 12.15
C VAL D 18 -16.32 22.77 12.50
N ASN D 19 -15.67 22.74 13.66
CA ASN D 19 -14.86 23.86 14.13
C ASN D 19 -13.83 24.11 13.04
N VAL D 20 -14.12 25.02 12.11
CA VAL D 20 -13.21 25.31 11.00
C VAL D 20 -11.80 25.74 11.43
N ASP D 21 -11.63 26.05 12.71
CA ASP D 21 -10.35 26.50 13.26
C ASP D 21 -9.60 25.48 14.12
N ALA D 22 -10.17 24.29 14.34
CA ALA D 22 -9.50 23.31 15.18
C ALA D 22 -9.37 21.93 14.53
N VAL D 23 -10.35 21.57 13.72
CA VAL D 23 -10.41 20.28 13.04
C VAL D 23 -9.39 20.14 11.91
N GLY D 24 -9.19 21.22 11.16
CA GLY D 24 -8.24 21.18 10.07
C GLY D 24 -6.86 20.94 10.67
N GLY D 25 -6.57 21.63 11.76
CA GLY D 25 -5.29 21.49 12.43
C GLY D 25 -5.09 20.12 13.07
N GLU D 26 -6.16 19.55 13.61
CA GLU D 26 -6.05 18.25 14.24
C GLU D 26 -5.86 17.16 13.18
N ALA D 27 -6.42 17.38 12.00
CA ALA D 27 -6.29 16.41 10.92
C ALA D 27 -4.87 16.42 10.38
N LEU D 28 -4.37 17.61 10.06
CA LEU D 28 -3.01 17.74 9.53
C LEU D 28 -2.02 17.28 10.60
N GLY D 29 -2.30 17.65 11.84
CA GLY D 29 -1.44 17.26 12.92
C GLY D 29 -1.31 15.76 12.93
N ARG D 30 -2.42 15.08 13.18
CA ARG D 30 -2.46 13.63 13.23
C ARG D 30 -1.80 12.94 12.04
N LEU D 31 -1.95 13.52 10.85
CA LEU D 31 -1.34 12.93 9.68
C LEU D 31 0.15 12.90 9.92
N LEU D 32 0.67 14.01 10.43
CA LEU D 32 2.09 14.16 10.70
C LEU D 32 2.60 13.21 11.77
N VAL D 33 1.74 12.90 12.73
CA VAL D 33 2.11 12.01 13.83
C VAL D 33 1.98 10.55 13.42
N VAL D 34 0.76 10.11 13.14
CA VAL D 34 0.49 8.72 12.74
C VAL D 34 1.32 8.26 11.53
N TYR D 35 1.65 9.19 10.63
CA TYR D 35 2.42 8.85 9.44
C TYR D 35 3.61 9.80 9.29
N PRO D 36 4.61 9.64 10.18
CA PRO D 36 5.86 10.39 10.30
C PRO D 36 6.50 10.97 9.04
N TRP D 37 6.80 10.12 8.07
CA TRP D 37 7.44 10.54 6.83
C TRP D 37 6.80 11.78 6.19
N THR D 38 5.50 11.97 6.42
CA THR D 38 4.80 13.12 5.85
C THR D 38 5.40 14.42 6.39
N GLN D 39 6.10 14.32 7.51
CA GLN D 39 6.73 15.49 8.12
C GLN D 39 7.79 16.12 7.22
N ARG D 40 8.43 15.29 6.41
CA ARG D 40 9.47 15.75 5.48
C ARG D 40 8.99 16.85 4.51
N PHE D 41 7.69 16.89 4.23
CA PHE D 41 7.14 17.90 3.31
C PHE D 41 6.87 19.21 4.04
N PHE D 42 7.03 19.17 5.36
CA PHE D 42 6.76 20.34 6.18
C PHE D 42 7.94 20.80 7.04
N GLU D 43 9.14 20.73 6.47
CA GLU D 43 10.39 21.14 7.16
C GLU D 43 10.49 22.64 7.50
N SER D 44 9.60 23.44 6.92
CA SER D 44 9.59 24.89 7.11
C SER D 44 8.61 25.36 8.19
N PHE D 45 7.82 24.42 8.70
CA PHE D 45 6.80 24.69 9.72
C PHE D 45 7.29 24.84 11.16
N GLY D 46 8.56 24.53 11.41
CA GLY D 46 9.06 24.66 12.76
C GLY D 46 9.25 23.34 13.50
N ASP D 47 8.87 23.34 14.77
CA ASP D 47 9.00 22.17 15.62
C ASP D 47 7.95 21.10 15.36
N LEU D 48 8.40 19.86 15.25
CA LEU D 48 7.51 18.72 15.00
C LEU D 48 8.13 17.51 15.71
N SER D 49 8.97 17.79 16.69
CA SER D 49 9.71 16.79 17.48
C SER D 49 8.92 15.85 18.41
N SER D 50 7.70 16.24 18.74
CA SER D 50 6.86 15.45 19.64
C SER D 50 5.40 15.64 19.22
N PRO D 51 4.53 14.71 19.63
CA PRO D 51 3.11 14.79 19.29
C PRO D 51 2.46 16.09 19.77
N ASP D 52 2.88 16.55 20.94
CA ASP D 52 2.34 17.78 21.51
C ASP D 52 2.88 19.02 20.78
N ALA D 53 4.09 18.91 20.22
CA ALA D 53 4.68 20.00 19.47
C ALA D 53 3.93 20.16 18.17
N VAL D 54 3.67 19.03 17.52
CA VAL D 54 2.93 19.03 16.25
C VAL D 54 1.53 19.58 16.40
N MET D 55 0.77 19.03 17.34
CA MET D 55 -0.60 19.48 17.53
C MET D 55 -0.67 20.94 17.98
N GLY D 56 0.31 21.38 18.76
CA GLY D 56 0.32 22.75 19.25
C GLY D 56 1.05 23.76 18.35
N ASN D 57 1.66 23.28 17.26
CA ASN D 57 2.39 24.15 16.33
C ASN D 57 1.44 25.10 15.58
N PRO D 58 1.76 26.41 15.59
CA PRO D 58 0.92 27.40 14.89
C PRO D 58 0.76 27.20 13.38
N LYS D 59 1.86 26.85 12.69
CA LYS D 59 1.82 26.66 11.24
C LYS D 59 1.05 25.41 10.82
N VAL D 60 0.88 24.47 11.75
CA VAL D 60 0.14 23.25 11.45
C VAL D 60 -1.35 23.61 11.54
N LYS D 61 -1.69 24.40 12.56
CA LYS D 61 -3.07 24.82 12.76
C LYS D 61 -3.50 25.71 11.61
N ALA D 62 -2.70 26.75 11.32
CA ALA D 62 -3.02 27.69 10.24
C ALA D 62 -3.17 27.03 8.89
N HIS D 63 -2.32 26.05 8.60
CA HIS D 63 -2.36 25.34 7.33
C HIS D 63 -3.53 24.36 7.26
N GLY D 64 -3.71 23.63 8.35
CA GLY D 64 -4.79 22.66 8.42
C GLY D 64 -6.10 23.34 8.12
N LYS D 65 -6.21 24.59 8.54
CA LYS D 65 -7.42 25.37 8.31
C LYS D 65 -7.62 25.57 6.80
N LYS D 66 -6.52 25.69 6.06
CA LYS D 66 -6.59 25.86 4.61
C LYS D 66 -6.99 24.54 3.97
N VAL D 67 -6.56 23.44 4.61
CA VAL D 67 -6.85 22.10 4.13
C VAL D 67 -8.35 21.85 4.18
N LEU D 68 -8.96 22.19 5.32
CA LEU D 68 -10.39 22.00 5.50
C LEU D 68 -11.09 22.87 4.46
N GLY D 69 -10.50 24.03 4.19
CA GLY D 69 -11.05 24.96 3.23
C GLY D 69 -11.16 24.27 1.88
N ALA D 70 -10.13 23.53 1.51
CA ALA D 70 -10.14 22.83 0.24
C ALA D 70 -11.23 21.75 0.25
N PHE D 71 -11.32 21.00 1.36
CA PHE D 71 -12.33 19.96 1.50
C PHE D 71 -13.73 20.54 1.33
N SER D 72 -14.00 21.66 2.00
CA SER D 72 -15.32 22.30 1.89
C SER D 72 -15.56 22.72 0.46
N ASP D 73 -14.50 23.19 -0.21
CA ASP D 73 -14.64 23.58 -1.61
C ASP D 73 -15.15 22.35 -2.36
N GLY D 74 -14.67 21.18 -1.96
CA GLY D 74 -15.09 19.94 -2.59
C GLY D 74 -16.53 19.58 -2.27
N LEU D 75 -16.95 19.82 -1.03
CA LEU D 75 -18.32 19.52 -0.60
C LEU D 75 -19.36 20.36 -1.31
N ALA D 76 -18.95 21.55 -1.76
CA ALA D 76 -19.80 22.49 -2.48
C ALA D 76 -19.85 22.25 -3.98
N HIS D 77 -18.94 21.42 -4.49
CA HIS D 77 -18.90 21.13 -5.92
C HIS D 77 -18.53 19.68 -6.19
N LEU D 78 -19.26 18.75 -5.57
CA LEU D 78 -19.00 17.32 -5.77
C LEU D 78 -19.09 16.83 -7.21
N ASP D 79 -19.56 17.68 -8.13
CA ASP D 79 -19.67 17.31 -9.54
C ASP D 79 -18.59 17.92 -10.44
N ASN D 80 -17.69 18.72 -9.85
CA ASN D 80 -16.61 19.38 -10.57
C ASN D 80 -15.37 19.38 -9.67
N LEU D 81 -15.10 18.21 -9.10
CA LEU D 81 -13.95 18.02 -8.21
C LEU D 81 -12.60 18.16 -8.92
N LYS D 82 -12.47 17.62 -10.13
CA LYS D 82 -11.20 17.73 -10.84
C LYS D 82 -10.87 19.16 -11.29
N GLY D 83 -11.93 19.90 -11.63
CA GLY D 83 -11.74 21.28 -12.04
C GLY D 83 -11.46 22.08 -10.78
N THR D 84 -12.12 21.69 -9.69
CA THR D 84 -11.98 22.36 -8.40
C THR D 84 -10.59 22.16 -7.79
N PHE D 85 -9.97 21.01 -8.08
CA PHE D 85 -8.66 20.72 -7.49
C PHE D 85 -7.53 20.67 -8.51
N SER D 86 -7.80 21.17 -9.71
CA SER D 86 -6.80 21.19 -10.77
C SER D 86 -5.57 21.99 -10.33
N GLN D 87 -5.78 23.09 -9.64
CA GLN D 87 -4.65 23.92 -9.21
C GLN D 87 -3.82 23.22 -8.15
N LEU D 88 -4.48 22.59 -7.18
CA LEU D 88 -3.81 21.89 -6.09
C LEU D 88 -3.08 20.62 -6.51
N SER D 89 -3.53 20.00 -7.59
CA SER D 89 -2.92 18.77 -8.04
C SER D 89 -1.55 18.96 -8.65
N GLU D 90 -1.44 19.96 -9.51
CA GLU D 90 -0.18 20.26 -10.17
C GLU D 90 0.87 20.64 -9.12
N LEU D 91 0.40 21.22 -8.01
CA LEU D 91 1.25 21.65 -6.91
C LEU D 91 1.76 20.45 -6.12
N HIS D 92 0.86 19.67 -5.58
CA HIS D 92 1.24 18.49 -4.81
C HIS D 92 2.01 17.52 -5.68
N CYS D 93 1.45 17.22 -6.86
CA CYS D 93 2.02 16.29 -7.82
C CYS D 93 3.32 16.67 -8.53
N ASP D 94 3.32 17.75 -9.30
CA ASP D 94 4.51 18.15 -10.03
C ASP D 94 5.42 19.18 -9.39
N LYS D 95 4.92 19.85 -8.36
CA LYS D 95 5.71 20.84 -7.66
C LYS D 95 6.25 20.30 -6.34
N LEU D 96 5.41 19.57 -5.58
CA LEU D 96 5.81 19.03 -4.28
C LEU D 96 6.21 17.55 -4.24
N HIS D 97 5.87 16.83 -5.30
CA HIS D 97 6.19 15.40 -5.41
C HIS D 97 5.59 14.55 -4.30
N VAL D 98 4.34 14.82 -3.96
CA VAL D 98 3.66 14.05 -2.91
C VAL D 98 3.06 12.82 -3.54
N ASP D 99 3.34 11.65 -2.97
CA ASP D 99 2.79 10.41 -3.51
C ASP D 99 1.31 10.36 -3.17
N PRO D 100 0.47 9.94 -4.14
CA PRO D 100 -0.99 9.83 -4.01
C PRO D 100 -1.49 9.09 -2.77
N GLU D 101 -0.73 8.08 -2.34
CA GLU D 101 -1.10 7.28 -1.19
C GLU D 101 -1.34 8.12 0.07
N ASN D 102 -0.63 9.24 0.16
CA ASN D 102 -0.78 10.11 1.32
C ASN D 102 -2.09 10.90 1.33
N PHE D 103 -2.65 11.12 0.14
CA PHE D 103 -3.93 11.81 0.02
C PHE D 103 -4.98 10.94 0.69
N ARG D 104 -4.93 9.64 0.42
CA ARG D 104 -5.87 8.68 0.99
C ARG D 104 -5.72 8.57 2.51
N LEU D 105 -4.51 8.74 3.00
CA LEU D 105 -4.27 8.67 4.43
C LEU D 105 -4.87 9.88 5.13
N LEU D 106 -4.64 11.07 4.58
CA LEU D 106 -5.18 12.29 5.17
C LEU D 106 -6.69 12.25 5.13
N GLY D 107 -7.23 11.79 4.00
CA GLY D 107 -8.68 11.71 3.85
C GLY D 107 -9.26 10.87 4.96
N ASN D 108 -8.57 9.77 5.27
CA ASN D 108 -9.00 8.86 6.32
C ASN D 108 -8.78 9.46 7.71
N VAL D 109 -7.64 10.10 7.91
CA VAL D 109 -7.37 10.73 9.21
C VAL D 109 -8.47 11.74 9.53
N LEU D 110 -8.90 12.51 8.54
CA LEU D 110 -9.94 13.48 8.77
C LEU D 110 -11.17 12.77 9.27
N VAL D 111 -11.52 11.64 8.65
CA VAL D 111 -12.69 10.88 9.07
C VAL D 111 -12.61 10.51 10.54
N CYS D 112 -11.40 10.20 11.02
CA CYS D 112 -11.20 9.85 12.43
C CYS D 112 -11.43 11.03 13.39
N VAL D 113 -10.95 12.22 13.02
CA VAL D 113 -11.10 13.45 13.80
C VAL D 113 -12.58 13.73 13.95
N LEU D 114 -13.28 13.59 12.82
CA LEU D 114 -14.71 13.80 12.72
C LEU D 114 -15.44 12.87 13.65
N ALA D 115 -15.01 11.62 13.68
CA ALA D 115 -15.60 10.61 14.54
C ALA D 115 -15.29 10.90 16.00
N ARG D 116 -14.09 11.44 16.24
CA ARG D 116 -13.69 11.75 17.60
C ARG D 116 -14.43 12.98 18.14
N ASN D 117 -14.60 13.99 17.29
CA ASN D 117 -15.28 15.24 17.65
C ASN D 117 -16.82 15.17 17.62
N PHE D 118 -17.40 14.21 16.92
CA PHE D 118 -18.86 14.10 16.87
C PHE D 118 -19.46 12.82 17.48
N GLY D 119 -18.62 11.86 17.84
CA GLY D 119 -19.09 10.63 18.46
C GLY D 119 -20.08 9.72 17.76
N LYS D 120 -21.18 9.41 18.45
CA LYS D 120 -22.25 8.52 17.96
C LYS D 120 -23.17 9.14 16.94
N GLU D 121 -22.87 10.38 16.56
CA GLU D 121 -23.62 11.15 15.60
C GLU D 121 -22.94 10.84 14.26
N PHE D 122 -21.68 10.42 14.36
CA PHE D 122 -20.90 10.04 13.18
C PHE D 122 -21.21 8.56 12.98
N THR D 123 -22.48 8.26 12.71
CA THR D 123 -22.98 6.91 12.51
C THR D 123 -22.29 6.18 11.35
N PRO D 124 -22.47 4.85 11.26
CA PRO D 124 -21.84 4.10 10.17
C PRO D 124 -22.36 4.65 8.85
N GLN D 125 -23.62 5.07 8.83
CA GLN D 125 -24.20 5.62 7.62
C GLN D 125 -23.51 6.93 7.25
N MET D 126 -23.33 7.81 8.25
CA MET D 126 -22.67 9.10 8.03
C MET D 126 -21.24 8.88 7.53
N GLN D 127 -20.57 7.89 8.13
CA GLN D 127 -19.20 7.56 7.75
C GLN D 127 -19.13 7.23 6.25
N ALA D 128 -20.03 6.35 5.82
CA ALA D 128 -20.09 5.90 4.43
C ALA D 128 -20.12 7.04 3.44
N ALA D 129 -20.84 8.11 3.79
CA ALA D 129 -20.95 9.28 2.91
C ALA D 129 -19.63 10.00 2.90
N TYR D 130 -19.09 10.24 4.08
CA TYR D 130 -17.80 10.93 4.18
C TYR D 130 -16.69 10.14 3.50
N GLN D 131 -16.83 8.82 3.41
CA GLN D 131 -15.81 8.02 2.76
C GLN D 131 -15.86 8.16 1.24
N LYS D 132 -16.99 8.56 0.68
CA LYS D 132 -17.05 8.73 -0.78
C LYS D 132 -16.49 10.11 -1.04
N VAL D 133 -16.72 11.00 -0.08
CA VAL D 133 -16.24 12.36 -0.19
C VAL D 133 -14.73 12.41 -0.14
N VAL D 134 -14.14 11.78 0.86
CA VAL D 134 -12.69 11.83 0.97
C VAL D 134 -12.01 11.14 -0.20
N ALA D 135 -12.62 10.08 -0.73
CA ALA D 135 -12.04 9.36 -1.86
C ALA D 135 -12.04 10.26 -3.09
N GLY D 136 -13.13 10.98 -3.26
CA GLY D 136 -13.26 11.87 -4.41
C GLY D 136 -12.27 13.03 -4.42
N VAL D 137 -11.97 13.55 -3.23
CA VAL D 137 -11.03 14.65 -3.03
C VAL D 137 -9.62 14.17 -3.28
N ALA D 138 -9.34 12.97 -2.78
CA ALA D 138 -8.04 12.35 -2.94
C ALA D 138 -7.84 11.95 -4.39
N ASN D 139 -8.87 11.41 -5.02
CA ASN D 139 -8.78 10.99 -6.42
C ASN D 139 -8.54 12.20 -7.33
N ALA D 140 -9.27 13.29 -7.07
CA ALA D 140 -9.16 14.50 -7.85
C ALA D 140 -7.82 15.16 -7.54
N LEU D 141 -7.34 14.91 -6.33
CA LEU D 141 -6.07 15.47 -5.91
C LEU D 141 -4.93 14.84 -6.68
N ALA D 142 -5.15 13.68 -7.26
CA ALA D 142 -4.10 13.03 -8.04
C ALA D 142 -4.27 12.98 -9.56
N HIS D 143 -5.28 13.65 -10.12
CA HIS D 143 -5.57 13.65 -11.57
C HIS D 143 -4.38 13.94 -12.52
N LYS D 144 -3.50 14.86 -12.13
CA LYS D 144 -2.32 15.23 -12.90
C LYS D 144 -1.24 14.17 -12.83
N TYR D 145 -1.70 12.95 -12.56
CA TYR D 145 -0.86 11.77 -12.46
C TYR D 145 -1.48 10.68 -13.30
N HIS D 146 -2.83 10.60 -13.36
CA HIS D 146 -3.52 9.58 -14.14
C HIS D 146 -3.48 9.85 -15.65
C CYN E . 20.06 4.19 -0.29
N CYN E . 19.45 3.84 -1.20
CHA HEM F . 21.87 6.05 3.00
CHB HEM F . 20.75 1.33 2.99
CHC HEM F . 16.55 2.27 0.75
CHD HEM F . 17.64 6.97 0.69
C1A HEM F . 21.96 4.67 3.18
C2A HEM F . 23.06 3.97 3.81
C3A HEM F . 22.74 2.65 3.80
C4A HEM F . 21.44 2.52 3.18
CMA HEM F . 23.54 1.44 4.33
CAA HEM F . 24.37 4.52 4.33
CBA HEM F . 24.61 4.86 5.80
CGA HEM F . 26.00 5.44 6.05
O1A HEM F . 26.87 4.69 6.55
O2A HEM F . 26.22 6.64 5.74
C1B HEM F . 19.49 1.16 2.39
C2B HEM F . 18.83 -0.11 2.24
C3B HEM F . 17.64 0.15 1.61
C4B HEM F . 17.59 1.59 1.37
CMB HEM F . 19.33 -1.48 2.69
CAB HEM F . 16.66 -0.85 1.25
CBB HEM F . 16.11 -2.02 1.97
C1C HEM F . 16.47 3.62 0.51
C2C HEM F . 15.37 4.29 -0.18
C3C HEM F . 15.67 5.62 -0.21
C4C HEM F . 16.95 5.76 0.47
CMC HEM F . 14.12 3.63 -0.76
CAC HEM F . 14.91 6.65 -0.77
CBC HEM F . 14.54 6.73 -2.17
C1D HEM F . 18.87 7.14 1.32
C2D HEM F . 19.53 8.41 1.53
C3D HEM F . 20.70 8.16 2.18
C4D HEM F . 20.79 6.73 2.37
CMD HEM F . 19.00 9.78 1.12
CAD HEM F . 21.75 9.13 2.63
CBD HEM F . 22.54 9.48 1.41
CGD HEM F . 23.62 10.46 1.71
O1D HEM F . 24.80 10.06 1.58
O2D HEM F . 23.28 11.62 2.07
NA HEM F . 20.97 3.78 2.80
NB HEM F . 18.73 2.19 1.87
NC HEM F . 17.41 4.53 0.89
ND HEM F . 19.66 6.13 1.86
FE HEM F . 19.19 4.20 1.85
C CYN G . -6.12 -11.47 -15.50
N CYN G . -5.67 -12.15 -14.66
CHA HEM H . -9.78 -11.75 -16.85
CHB HEM H . -6.43 -8.66 -18.46
CHC HEM H . -4.88 -7.94 -13.97
CHD HEM H . -8.16 -11.05 -12.33
C1A HEM H . -9.02 -10.96 -17.70
C2A HEM H . -9.17 -10.88 -19.13
C3A HEM H . -8.21 -10.02 -19.58
C4A HEM H . -7.47 -9.58 -18.42
CMA HEM H . -7.90 -9.58 -21.02
CAA HEM H . -10.26 -11.45 -20.00
CBA HEM H . -11.72 -11.03 -19.76
CGA HEM H . -12.54 -10.78 -21.02
O1A HEM H . -12.44 -11.61 -21.96
O2A HEM H . -13.29 -9.77 -21.07
C1B HEM H . -5.71 -8.20 -17.38
C2B HEM H . -4.63 -7.24 -17.47
C3B HEM H . -4.19 -7.03 -16.21
C4B HEM H . -5.01 -7.87 -15.34
CMB HEM H . -4.04 -6.58 -18.72
CAB HEM H . -3.10 -6.15 -15.88
CBB HEM H . -3.04 -4.98 -14.97
C1C HEM H . -5.62 -8.71 -13.12
C2C HEM H . -5.43 -8.78 -11.68
C3C HEM H . -6.38 -9.66 -11.21
C4C HEM H . -7.11 -10.13 -12.36
CMC HEM H . -4.38 -8.05 -10.84
CAC HEM H . -6.59 -10.03 -9.89
CBC HEM H . -5.86 -11.05 -9.24
C1D HEM H . -8.89 -11.52 -13.41
C2D HEM H . -9.96 -12.49 -13.32
C3D HEM H . -10.42 -12.69 -14.59
C4D HEM H . -9.64 -11.84 -15.48
CMD HEM H . -10.48 -13.15 -12.06
CAD HEM H . -11.52 -13.61 -15.03
CBD HEM H . -10.90 -14.98 -15.12
CGD HEM H . -11.90 -16.03 -15.55
O1D HEM H . -12.04 -16.21 -16.78
O2D HEM H . -12.51 -16.66 -14.66
NA HEM H . -7.99 -10.16 -17.29
NB HEM H . -5.92 -8.56 -16.07
NC HEM H . -6.64 -9.52 -13.50
ND HEM H . -8.72 -11.15 -14.72
FE HEM H . -7.35 -9.86 -15.37
C CYN I . -13.24 -10.84 10.61
N CYN I . -13.95 -9.92 10.68
CHA HEM J . -13.27 -15.02 10.52
CHB HEM J . -10.38 -12.18 13.13
CHC HEM J . -9.94 -9.21 9.37
CHD HEM J . -12.83 -11.98 6.75
C1A HEM J . -12.55 -14.51 11.57
C2A HEM J . -12.47 -15.10 12.88
C3A HEM J . -11.65 -14.31 13.62
C4A HEM J . -11.23 -13.21 12.76
CMA HEM J . -11.22 -14.44 15.09
CAA HEM J . -13.23 -16.29 13.41
CBA HEM J . -12.82 -17.72 13.14
CGA HEM J . -13.28 -18.65 14.25
O1A HEM J . -12.57 -18.74 15.26
O2A HEM J . -14.37 -19.29 14.11
C1B HEM J . -10.00 -11.12 12.34
C2B HEM J . -9.09 -10.08 12.75
C3B HEM J . -8.97 -9.23 11.68
C4B HEM J . -9.78 -9.78 10.62
CMB HEM J . -8.43 -9.92 14.12
CAB HEM J . -8.16 -8.04 11.63
CBB HEM J . -7.78 -7.03 12.66
C1C HEM J . -10.69 -9.67 8.34
C2C HEM J . -10.85 -9.00 7.07
C3C HEM J . -11.66 -9.79 6.31
C4C HEM J . -12.01 -10.93 7.14
CMC HEM J . -10.23 -7.68 6.62
CAC HEM J . -12.06 -9.55 5.01
CBC HEM J . -13.13 -8.65 4.69
C1D HEM J . -13.18 -13.07 7.54
C2D HEM J . -14.03 -14.15 7.11
C3D HEM J . -14.15 -15.00 8.16
C4D HEM J . -13.37 -14.45 9.25
CMD HEM J . -14.67 -14.30 5.74
CAD HEM J . -14.93 -16.26 8.24
CBD HEM J . -16.29 -15.82 8.67
CGD HEM J . -17.21 -16.98 8.80
O1D HEM J . -17.51 -17.35 9.96
O2D HEM J . -17.63 -17.52 7.74
NA HEM J . -11.81 -13.37 11.51
NB HEM J . -10.38 -10.93 11.03
NC HEM J . -11.41 -10.81 8.37
ND HEM J . -12.78 -13.29 8.84
FE HEM J . -11.61 -12.12 9.91
C CYN K . -1.91 19.78 3.02
N CYN K . -1.49 19.28 3.98
CHA HEM L . -0.37 22.88 0.54
CHB HEM L . -4.84 20.98 0.24
CHC HEM L . -3.01 16.58 1.04
CHD HEM L . 1.44 18.41 1.44
C1A HEM L . -1.76 22.77 0.38
C2A HEM L . -2.68 23.87 0.13
C3A HEM L . -3.94 23.34 0.05
C4A HEM L . -3.79 21.90 0.25
CMA HEM L . -5.30 24.03 -0.19
CAA HEM L . -2.36 25.34 -0.08
CBA HEM L . -2.27 25.97 -1.46
CGA HEM L . -1.40 27.22 -1.49
O1A HEM L . -1.68 28.15 -0.71
O2A HEM L . -0.42 27.26 -2.29
C1B HEM L . -4.73 19.61 0.42
C2B HEM L . -5.84 18.69 0.38
C3B HEM L . -5.32 17.44 0.60
C4B HEM L . -3.89 17.61 0.78
CMB HEM L . -7.31 18.97 0.16
CAB HEM L . -6.11 16.25 0.64
CBB HEM L . -6.31 15.21 -0.39
C1C HEM L . -1.65 16.69 1.23
C2C HEM L . -0.78 15.58 1.56
C3C HEM L . 0.47 16.08 1.66
C4C HEM L . 0.38 17.51 1.42
CMC HEM L . -1.18 14.13 1.76
CAC HEM L . 1.63 15.36 1.96
CBC HEM L . 2.04 15.10 3.31
C1D HEM L . 1.36 19.79 1.21
C2D HEM L . 2.48 20.71 1.24
C3D HEM L . 1.98 21.96 0.99
C4D HEM L . 0.53 21.82 0.81
CMD HEM L . 3.93 20.35 1.50
CAD HEM L . 2.73 23.25 0.93
CBD HEM L . 2.84 23.71 2.36
CGD HEM L . 3.57 25.02 2.53
O1D HEM L . 2.90 26.07 2.45
O2D HEM L . 4.80 24.99 2.75
NA HEM L . -2.44 21.58 0.46
NB HEM L . -3.54 18.93 0.65
NC HEM L . -0.94 17.85 1.16
ND HEM L . 0.19 20.50 0.95
FE HEM L . -1.65 19.72 0.79
#